data_8A8Q
#
_entry.id   8A8Q
#
_cell.length_a   42.772
_cell.length_b   85.7
_cell.length_c   76.227
_cell.angle_alpha   90
_cell.angle_beta   92.62
_cell.angle_gamma   90
#
_symmetry.space_group_name_H-M   'P 1 21 1'
#
loop_
_entity.id
_entity.type
_entity.pdbx_description
1 polymer 'Protein scalloped'
2 polymer 'Isoform 7 of Transcriptional coactivator YAP1'
3 non-polymer 'ACETATE ION'
4 water water
#
loop_
_entity_poly.entity_id
_entity_poly.type
_entity_poly.pdbx_seq_one_letter_code
_entity_poly.pdbx_strand_id
1 'polypeptide(L)'
;GRAIATHKFRLLEFTAFMEIQRDEIYHRHLFVQLGGKPSFSDPLLETVDIRQIFDKFPEKSGGLKDLYEKGPQNAFYLVK
CWADLNTDLTTGSETGDFYGVTSQYESNENVVLVCSTIVCSFGKQVVE(MYK)VESEYSRLENNRYVYRIQRSPMCEYMI
NFIQKLKNLPERYMMNSVLENFTILQVMRARETQETLLCIAYVFEVAAQNSGTTHHIYRLIKE
;
A,B
2 'polypeptide(L)' (ACE)GHQIVHVRGDSETDLEALFNAV(NLE)NPKTANVPQTVP(NLE)RLRKLPDSFFKPP(NH2) C,D
#
loop_
_chem_comp.id
_chem_comp.type
_chem_comp.name
_chem_comp.formula
ACE non-polymer 'ACETYL GROUP' 'C2 H4 O'
ACT non-polymer 'ACETATE ION' 'C2 H3 O2 -1'
NH2 non-polymer 'AMINO GROUP' 'H2 N'
#
# COMPACT_ATOMS: atom_id res chain seq x y z
N ARG A 2 23.37 -3.78 -14.97
CA ARG A 2 22.41 -2.68 -14.85
C ARG A 2 23.02 -1.58 -14.00
N ALA A 3 22.83 -0.32 -14.39
CA ALA A 3 23.47 0.79 -13.68
C ALA A 3 22.93 1.10 -12.30
N ILE A 4 21.60 1.11 -12.13
CA ILE A 4 20.95 1.52 -10.89
C ILE A 4 20.85 0.30 -10.03
N ALA A 5 21.92 0.03 -9.29
CA ALA A 5 22.05 -1.22 -8.56
C ALA A 5 23.02 -1.14 -7.39
N THR A 6 22.81 -2.00 -6.41
CA THR A 6 23.75 -2.26 -5.32
C THR A 6 24.21 -3.72 -5.58
N HIS A 7 25.04 -4.28 -4.69
CA HIS A 7 25.43 -5.66 -4.87
C HIS A 7 24.30 -6.65 -4.44
N LYS A 8 23.15 -6.16 -3.91
CA LYS A 8 22.05 -7.05 -3.55
C LYS A 8 20.73 -6.73 -4.22
N PHE A 9 20.58 -5.55 -4.83
CA PHE A 9 19.29 -5.20 -5.42
C PHE A 9 19.51 -4.35 -6.68
N ARG A 10 18.68 -4.57 -7.72
CA ARG A 10 18.85 -3.79 -8.94
C ARG A 10 17.58 -3.51 -9.69
N LEU A 11 17.55 -2.35 -10.37
CA LEU A 11 16.42 -1.99 -11.21
C LEU A 11 16.71 -2.61 -12.58
N LEU A 12 15.75 -3.36 -13.10
CA LEU A 12 15.88 -3.98 -14.41
C LEU A 12 15.17 -3.14 -15.46
N GLU A 13 14.01 -2.56 -15.11
CA GLU A 13 13.22 -1.76 -16.06
C GLU A 13 12.36 -0.76 -15.35
N PHE A 14 12.13 0.41 -15.97
CA PHE A 14 11.19 1.41 -15.43
C PHE A 14 10.59 2.07 -16.66
N THR A 15 9.34 1.82 -16.97
CA THR A 15 8.71 2.38 -18.16
C THR A 15 7.48 3.16 -17.80
N ALA A 16 7.45 4.47 -18.05
CA ALA A 16 6.25 5.27 -17.79
C ALA A 16 5.61 5.48 -19.15
N PHE A 17 4.30 5.23 -19.26
CA PHE A 17 3.64 5.32 -20.57
C PHE A 17 2.18 5.72 -20.52
N MET A 18 1.58 5.92 -21.71
CA MET A 18 0.15 6.08 -21.87
C MET A 18 -0.29 5.21 -23.05
N GLU A 19 -1.54 4.76 -23.01
CA GLU A 19 -2.06 3.93 -24.07
C GLU A 19 -3.42 4.40 -24.46
N ILE A 20 -3.77 4.11 -25.69
CA ILE A 20 -5.08 4.41 -26.22
C ILE A 20 -5.50 3.20 -27.09
N GLN A 21 -6.79 2.95 -27.11
CA GLN A 21 -7.34 1.92 -27.95
C GLN A 21 -8.63 2.41 -28.55
N ARG A 22 -8.69 2.40 -29.87
CA ARG A 22 -9.89 2.79 -30.59
C ARG A 22 -10.19 1.71 -31.60
N ASP A 23 -11.37 1.07 -31.54
CA ASP A 23 -11.77 0.02 -32.48
C ASP A 23 -10.76 -1.15 -32.55
N GLU A 24 -10.28 -1.62 -31.38
CA GLU A 24 -9.31 -2.71 -31.24
C GLU A 24 -7.88 -2.34 -31.66
N ILE A 25 -7.66 -1.16 -32.28
CA ILE A 25 -6.31 -0.71 -32.60
C ILE A 25 -5.70 -0.06 -31.36
N TYR A 26 -4.59 -0.64 -30.92
CA TYR A 26 -3.89 -0.22 -29.73
C TYR A 26 -2.63 0.58 -30.05
N HIS A 27 -2.39 1.66 -29.32
CA HIS A 27 -1.17 2.46 -29.45
C HIS A 27 -0.65 2.79 -28.06
N ARG A 28 0.66 2.70 -27.87
CA ARG A 28 1.33 3.00 -26.62
C ARG A 28 2.38 4.08 -26.86
N HIS A 29 2.51 5.02 -25.93
CA HIS A 29 3.50 6.08 -26.03
C HIS A 29 4.39 6.04 -24.78
N LEU A 30 5.70 6.04 -24.94
CA LEU A 30 6.62 6.01 -23.80
C LEU A 30 7.08 7.41 -23.38
N PHE A 31 6.77 7.79 -22.15
CA PHE A 31 7.22 9.07 -21.60
C PHE A 31 8.66 8.96 -21.13
N VAL A 32 8.98 7.87 -20.43
CA VAL A 32 10.29 7.61 -19.81
C VAL A 32 10.58 6.12 -19.95
N GLN A 33 11.83 5.74 -20.20
CA GLN A 33 12.18 4.31 -20.24
C GLN A 33 13.61 4.07 -19.79
N LEU A 34 13.78 3.43 -18.62
CA LEU A 34 15.08 3.10 -18.07
C LEU A 34 15.28 1.59 -18.19
N GLY A 35 16.51 1.16 -18.41
CA GLY A 35 16.79 -0.27 -18.54
C GLY A 35 16.46 -0.77 -19.92
N SER A 41 27.70 -1.22 -24.56
CA SER A 41 28.66 -0.13 -24.40
C SER A 41 28.07 0.99 -23.53
N ASP A 42 27.27 0.64 -22.50
CA ASP A 42 26.68 1.60 -21.57
C ASP A 42 27.76 2.41 -20.90
N PRO A 43 27.55 3.73 -20.76
CA PRO A 43 28.62 4.58 -20.22
C PRO A 43 28.96 4.31 -18.76
N LEU A 44 30.16 4.72 -18.36
CA LEU A 44 30.60 4.70 -16.98
C LEU A 44 29.81 5.87 -16.33
N LEU A 45 29.29 5.71 -15.11
CA LEU A 45 28.48 6.75 -14.50
C LEU A 45 29.25 7.96 -14.00
N GLU A 46 28.68 9.15 -14.17
CA GLU A 46 29.22 10.38 -13.60
C GLU A 46 28.61 10.54 -12.20
N THR A 47 29.13 11.47 -11.39
CA THR A 47 28.62 11.66 -10.05
C THR A 47 28.07 13.05 -9.83
N VAL A 48 27.13 13.16 -8.89
CA VAL A 48 26.56 14.45 -8.51
C VAL A 48 26.65 14.53 -6.97
N ASP A 49 27.06 15.69 -6.48
CA ASP A 49 27.13 15.95 -5.04
C ASP A 49 25.64 16.12 -4.62
N ILE A 50 25.16 15.25 -3.72
CA ILE A 50 23.76 15.25 -3.29
C ILE A 50 23.34 16.54 -2.57
N ARG A 51 24.31 17.28 -2.00
CA ARG A 51 23.99 18.58 -1.38
C ARG A 51 23.43 19.56 -2.43
N GLN A 52 23.73 19.35 -3.73
CA GLN A 52 23.21 20.21 -4.81
C GLN A 52 21.73 19.96 -5.10
N ILE A 53 21.12 18.88 -4.55
CA ILE A 53 19.71 18.60 -4.81
C ILE A 53 18.86 18.51 -3.54
N PHE A 54 19.45 18.60 -2.32
CA PHE A 54 18.65 18.45 -1.09
C PHE A 54 17.39 19.34 -1.04
N ASP A 55 17.47 20.62 -1.44
CA ASP A 55 16.32 21.52 -1.34
C ASP A 55 15.21 21.27 -2.40
N LYS A 56 15.42 20.31 -3.31
CA LYS A 56 14.38 19.94 -4.28
C LYS A 56 13.56 18.70 -3.83
N PHE A 57 13.77 18.22 -2.60
CA PHE A 57 13.10 17.06 -2.04
C PHE A 57 12.74 17.34 -0.59
N PRO A 58 11.75 16.61 -0.04
CA PRO A 58 11.36 16.85 1.36
C PRO A 58 12.52 16.71 2.32
N GLU A 59 12.66 17.65 3.26
CA GLU A 59 13.78 17.58 4.21
C GLU A 59 13.32 17.57 5.66
N LYS A 60 12.19 16.93 5.92
CA LYS A 60 11.68 16.76 7.28
C LYS A 60 12.18 15.36 7.76
N SER A 61 11.53 14.71 8.75
CA SER A 61 11.95 13.38 9.20
C SER A 61 11.72 12.38 8.09
N GLY A 62 12.72 11.57 7.78
CA GLY A 62 12.64 10.56 6.73
C GLY A 62 12.78 11.10 5.31
N GLY A 63 13.25 12.34 5.18
CA GLY A 63 13.45 12.94 3.88
C GLY A 63 14.72 12.46 3.18
N LEU A 64 15.08 13.06 2.04
CA LEU A 64 16.27 12.62 1.29
C LEU A 64 17.59 12.70 2.09
N LYS A 65 17.85 13.80 2.80
CA LYS A 65 19.07 13.96 3.59
C LYS A 65 19.14 12.88 4.69
N ASP A 66 18.05 12.69 5.47
CA ASP A 66 18.02 11.66 6.50
C ASP A 66 18.18 10.25 5.88
N LEU A 67 17.54 9.98 4.73
CA LEU A 67 17.69 8.68 4.06
C LEU A 67 19.15 8.46 3.64
N TYR A 68 19.77 9.49 3.08
CA TYR A 68 21.16 9.38 2.64
C TYR A 68 22.09 9.13 3.82
N GLU A 69 21.89 9.84 4.95
CA GLU A 69 22.75 9.66 6.13
C GLU A 69 22.63 8.26 6.71
N LYS A 70 21.41 7.71 6.72
CA LYS A 70 21.17 6.36 7.21
C LYS A 70 21.84 5.31 6.29
N GLY A 71 21.84 5.56 4.99
CA GLY A 71 22.50 4.69 4.05
C GLY A 71 21.75 3.42 3.66
N PRO A 72 22.37 2.52 2.86
CA PRO A 72 23.74 2.59 2.29
C PRO A 72 23.82 3.68 1.22
N GLN A 73 24.88 4.48 1.25
CA GLN A 73 25.06 5.58 0.32
C GLN A 73 25.17 5.13 -1.13
N ASN A 74 25.63 3.88 -1.38
CA ASN A 74 25.74 3.38 -2.76
C ASN A 74 24.39 3.02 -3.41
N ALA A 75 23.29 3.10 -2.66
CA ALA A 75 21.96 2.82 -3.21
C ALA A 75 21.27 4.06 -3.78
N PHE A 76 21.94 5.24 -3.74
CA PHE A 76 21.31 6.49 -4.15
C PHE A 76 21.74 6.98 -5.51
N TYR A 77 20.77 7.25 -6.38
CA TYR A 77 21.02 7.69 -7.75
C TYR A 77 20.16 8.87 -8.12
N LEU A 78 20.66 9.66 -9.06
CA LEU A 78 19.90 10.78 -9.60
C LEU A 78 19.75 10.51 -11.09
N VAL A 79 18.53 10.57 -11.60
CA VAL A 79 18.25 10.38 -13.01
C VAL A 79 17.78 11.71 -13.64
N LYS A 80 18.49 12.23 -14.64
CA LYS A 80 18.07 13.39 -15.38
C LYS A 80 17.40 12.82 -16.62
N CYS A 81 16.08 13.04 -16.78
N CYS A 81 16.11 13.07 -16.82
CA CYS A 81 15.23 12.54 -17.88
CA CYS A 81 15.38 12.52 -17.96
C CYS A 81 14.81 13.65 -18.84
C CYS A 81 14.71 13.56 -18.83
N TRP A 82 14.77 13.34 -20.13
CA TRP A 82 14.14 14.18 -21.11
C TRP A 82 12.88 13.37 -21.46
N ALA A 83 11.76 13.72 -20.88
CA ALA A 83 10.50 13.01 -21.07
C ALA A 83 9.92 13.33 -22.42
N ASP A 84 9.45 12.30 -23.12
CA ASP A 84 8.87 12.51 -24.44
C ASP A 84 7.39 12.88 -24.30
N LEU A 85 7.04 14.12 -24.62
CA LEU A 85 5.64 14.56 -24.58
C LEU A 85 5.00 14.66 -25.97
N ASN A 86 5.68 14.20 -27.03
CA ASN A 86 5.10 14.25 -28.38
C ASN A 86 4.23 13.01 -28.56
N THR A 87 3.01 12.98 -27.95
CA THR A 87 2.11 11.80 -27.96
C THR A 87 1.40 11.55 -29.29
N ASP A 88 1.52 12.45 -30.27
CA ASP A 88 0.89 12.30 -31.57
C ASP A 88 1.66 11.33 -32.48
N GLY A 96 -5.45 10.06 -23.52
CA GLY A 96 -5.11 8.65 -23.30
C GLY A 96 -6.13 7.90 -22.47
N ASP A 97 -6.31 6.59 -22.74
CA ASP A 97 -7.21 5.76 -21.97
C ASP A 97 -6.61 5.38 -20.62
N PHE A 98 -5.29 5.13 -20.59
CA PHE A 98 -4.63 4.70 -19.37
C PHE A 98 -3.21 5.25 -19.32
N TYR A 99 -2.78 5.71 -18.14
CA TYR A 99 -1.46 6.27 -17.90
C TYR A 99 -0.89 5.44 -16.76
N GLY A 100 0.29 4.88 -16.94
CA GLY A 100 0.85 4.01 -15.91
C GLY A 100 2.33 3.81 -16.01
N VAL A 101 2.88 3.04 -15.06
CA VAL A 101 4.31 2.76 -14.99
C VAL A 101 4.48 1.27 -14.75
N THR A 102 5.35 0.62 -15.52
CA THR A 102 5.65 -0.80 -15.30
C THR A 102 7.12 -0.87 -14.96
N SER A 103 7.45 -1.54 -13.85
N SER A 103 7.45 -1.52 -13.84
CA SER A 103 8.82 -1.64 -13.40
CA SER A 103 8.84 -1.63 -13.45
C SER A 103 9.18 -3.08 -13.04
C SER A 103 9.19 -3.05 -12.98
N GLN A 104 10.47 -3.39 -13.04
CA GLN A 104 10.92 -4.73 -12.68
C GLN A 104 12.25 -4.60 -11.93
N TYR A 105 12.43 -5.42 -10.88
CA TYR A 105 13.58 -5.38 -10.00
C TYR A 105 14.07 -6.81 -9.71
N GLU A 106 15.31 -6.95 -9.28
CA GLU A 106 15.87 -8.26 -8.96
C GLU A 106 16.64 -8.12 -7.66
N SER A 107 16.63 -9.15 -6.85
CA SER A 107 17.32 -9.15 -5.57
C SER A 107 17.93 -10.51 -5.32
N ASN A 108 19.06 -10.52 -4.60
CA ASN A 108 19.65 -11.80 -4.21
C ASN A 108 19.07 -12.28 -2.84
N GLU A 109 18.20 -11.48 -2.19
CA GLU A 109 17.54 -11.81 -0.92
C GLU A 109 16.02 -11.75 -1.11
N ASN A 110 15.28 -12.68 -0.49
CA ASN A 110 13.84 -12.73 -0.62
C ASN A 110 13.14 -11.76 0.31
N VAL A 111 13.04 -10.50 -0.10
CA VAL A 111 12.37 -9.48 0.71
C VAL A 111 10.95 -9.27 0.21
N VAL A 112 10.13 -8.55 0.99
CA VAL A 112 8.86 -8.06 0.47
C VAL A 112 9.27 -6.64 0.05
N LEU A 113 9.23 -6.36 -1.24
CA LEU A 113 9.67 -5.05 -1.75
C LEU A 113 8.58 -4.01 -1.52
N VAL A 114 8.92 -2.86 -0.94
CA VAL A 114 7.97 -1.76 -0.77
C VAL A 114 8.51 -0.58 -1.58
N CYS A 115 7.74 -0.10 -2.54
CA CYS A 115 8.18 1.03 -3.37
C CYS A 115 7.34 2.24 -3.05
N SER A 116 7.97 3.32 -2.57
CA SER A 116 7.27 4.56 -2.28
C SER A 116 7.67 5.59 -3.32
N THR A 117 6.70 6.18 -4.02
CA THR A 117 6.98 7.19 -5.03
C THR A 117 6.39 8.47 -4.52
N ILE A 118 7.21 9.51 -4.43
CA ILE A 118 6.81 10.77 -3.85
C ILE A 118 6.86 11.83 -4.94
N VAL A 119 5.72 12.36 -5.34
CA VAL A 119 5.67 13.40 -6.36
C VAL A 119 5.86 14.70 -5.59
N CYS A 120 6.85 15.52 -5.97
CA CYS A 120 7.20 16.73 -5.26
C CYS A 120 7.12 17.99 -6.10
N SER A 121 6.57 19.03 -5.50
CA SER A 121 6.58 20.35 -6.13
C SER A 121 7.12 21.33 -5.09
N PHE A 122 8.06 22.19 -5.50
CA PHE A 122 8.72 23.11 -4.58
C PHE A 122 9.44 22.35 -3.44
N GLY A 123 9.90 21.13 -3.72
CA GLY A 123 10.61 20.30 -2.75
C GLY A 123 9.72 19.67 -1.71
N LYS A 124 8.39 19.75 -1.86
CA LYS A 124 7.48 19.16 -0.87
C LYS A 124 6.60 18.09 -1.49
N GLN A 125 6.28 17.04 -0.70
CA GLN A 125 5.41 16.00 -1.19
C GLN A 125 4.02 16.55 -1.49
N VAL A 126 3.50 16.25 -2.66
CA VAL A 126 2.12 16.56 -3.00
C VAL A 126 1.32 15.26 -3.20
N VAL A 127 1.98 14.16 -3.66
CA VAL A 127 1.32 12.84 -3.77
C VAL A 127 2.32 11.81 -3.33
N GLU A 128 1.86 10.77 -2.62
CA GLU A 128 2.69 9.63 -2.26
C GLU A 128 1.95 8.40 -2.78
C MYK A 129 2.93 5.16 -3.13
N MYK A 129 2.68 7.50 -3.41
O MYK A 129 4.14 5.31 -3.06
CA MYK A 129 2.09 6.25 -3.84
CB MYK A 129 2.14 6.15 -5.38
CD MYK A 129 1.93 5.01 -7.62
CE MYK A 129 2.44 6.43 -8.02
CG MYK A 129 1.97 4.78 -6.07
CI MYK A 129 5.87 8.53 -11.21
CK MYK A 129 6.45 8.24 -12.60
CL MYK A 129 5.95 9.27 -13.64
CM MYK A 129 7.00 9.43 -14.79
CP MYK A 129 7.04 10.89 -15.29
CQ MYK A 129 6.90 13.43 -16.23
CR MYK A 129 6.63 10.95 -16.79
CS MYK A 129 6.26 14.78 -16.69
CT MYK A 129 4.32 8.59 -11.24
CU MYK A 129 6.78 12.38 -17.36
CV MYK A 129 7.76 16.12 -18.29
CW MYK A 129 7.36 15.85 -16.81
CX MYK A 129 2.28 8.03 -9.85
OX MYK A 129 1.71 8.80 -10.62
CY MYK A 129 3.78 7.94 -9.94
NZ MYK A 129 1.64 7.28 -8.91
N VAL A 130 2.28 4.19 -2.54
CA VAL A 130 2.99 3.09 -1.88
C VAL A 130 2.51 1.84 -2.55
N GLU A 131 3.46 0.98 -2.92
CA GLU A 131 3.13 -0.29 -3.54
C GLU A 131 4.04 -1.33 -2.96
N SER A 132 3.59 -2.57 -2.94
CA SER A 132 4.46 -3.64 -2.46
C SER A 132 4.33 -4.88 -3.30
N GLU A 133 5.42 -5.66 -3.42
CA GLU A 133 5.39 -6.89 -4.21
C GLU A 133 6.10 -7.99 -3.50
N TYR A 134 5.55 -9.18 -3.57
CA TYR A 134 6.19 -10.38 -3.09
C TYR A 134 7.02 -10.88 -4.32
N SER A 135 8.05 -11.66 -4.10
CA SER A 135 8.91 -12.11 -5.18
C SER A 135 8.41 -13.33 -5.92
N ARG A 136 9.06 -13.60 -7.04
CA ARG A 136 9.02 -14.88 -7.74
C ARG A 136 10.49 -15.33 -7.87
N LEU A 137 10.81 -16.61 -7.61
CA LEU A 137 12.18 -17.10 -7.76
C LEU A 137 12.31 -17.50 -9.21
N GLU A 138 13.20 -16.82 -9.96
CA GLU A 138 13.44 -17.04 -11.38
C GLU A 138 14.95 -17.01 -11.62
N ASN A 139 15.51 -18.09 -12.25
CA ASN A 139 16.95 -18.20 -12.53
C ASN A 139 17.83 -17.90 -11.29
N ASN A 140 17.46 -18.48 -10.14
CA ASN A 140 18.20 -18.34 -8.88
C ASN A 140 18.23 -16.94 -8.30
N ARG A 141 17.28 -16.06 -8.70
CA ARG A 141 17.18 -14.72 -8.14
C ARG A 141 15.72 -14.41 -7.82
N TYR A 142 15.48 -13.43 -6.95
CA TYR A 142 14.12 -13.04 -6.59
C TYR A 142 13.72 -11.85 -7.44
N VAL A 143 12.69 -12.01 -8.28
CA VAL A 143 12.27 -10.98 -9.22
C VAL A 143 10.96 -10.34 -8.74
N TYR A 144 10.86 -9.01 -8.88
CA TYR A 144 9.70 -8.23 -8.44
C TYR A 144 9.20 -7.46 -9.63
N ARG A 145 7.89 -7.44 -9.84
CA ARG A 145 7.32 -6.72 -10.95
C ARG A 145 6.17 -5.89 -10.49
N ILE A 146 6.20 -4.58 -10.77
CA ILE A 146 5.09 -3.70 -10.48
C ILE A 146 4.50 -3.46 -11.87
N GLN A 147 3.40 -4.14 -12.18
CA GLN A 147 2.82 -4.09 -13.51
C GLN A 147 1.70 -3.07 -13.64
N ARG A 148 1.86 -2.15 -14.59
CA ARG A 148 0.83 -1.17 -14.94
C ARG A 148 0.30 -0.41 -13.74
N SER A 149 1.21 0.13 -12.91
CA SER A 149 0.84 0.96 -11.77
C SER A 149 0.17 2.23 -12.31
N PRO A 150 -1.10 2.50 -11.97
CA PRO A 150 -1.76 3.69 -12.53
C PRO A 150 -1.15 5.00 -12.06
N MET A 151 -0.94 5.94 -13.00
CA MET A 151 -0.45 7.25 -12.60
C MET A 151 -1.56 7.97 -11.84
N CYS A 152 -1.18 8.77 -10.84
CA CYS A 152 -2.15 9.55 -10.08
C CYS A 152 -2.73 10.68 -10.97
N GLU A 153 -3.92 11.21 -10.60
CA GLU A 153 -4.55 12.25 -11.39
C GLU A 153 -3.72 13.52 -11.47
N TYR A 154 -2.93 13.82 -10.41
CA TYR A 154 -2.06 14.99 -10.41
C TYR A 154 -1.06 14.89 -11.58
N MET A 155 -0.46 13.69 -11.76
CA MET A 155 0.52 13.47 -12.83
C MET A 155 -0.10 13.51 -14.19
N ILE A 156 -1.28 12.91 -14.34
CA ILE A 156 -2.00 12.94 -15.62
C ILE A 156 -2.33 14.38 -16.03
N ASN A 157 -2.89 15.15 -15.10
CA ASN A 157 -3.25 16.55 -15.36
C ASN A 157 -2.00 17.40 -15.61
N PHE A 158 -0.90 17.09 -14.92
CA PHE A 158 0.35 17.83 -15.09
C PHE A 158 0.89 17.61 -16.52
N ILE A 159 0.94 16.35 -16.96
CA ILE A 159 1.37 16.03 -18.34
C ILE A 159 0.48 16.74 -19.36
N GLN A 160 -0.85 16.69 -19.17
CA GLN A 160 -1.74 17.34 -20.11
C GLN A 160 -1.58 18.86 -20.14
N LYS A 161 -1.46 19.49 -18.97
CA LYS A 161 -1.27 20.94 -18.89
C LYS A 161 0.10 21.40 -19.42
N LEU A 162 1.16 20.59 -19.20
CA LEU A 162 2.48 20.93 -19.76
C LEU A 162 2.40 20.88 -21.29
N LYS A 163 1.70 19.87 -21.85
CA LYS A 163 1.53 19.68 -23.30
C LYS A 163 0.70 20.80 -23.94
N ASN A 164 -0.18 21.45 -23.16
CA ASN A 164 -0.97 22.57 -23.66
C ASN A 164 -0.19 23.88 -23.71
N LEU A 165 1.06 23.90 -23.21
CA LEU A 165 1.88 25.10 -23.30
C LEU A 165 2.39 25.17 -24.74
N PRO A 166 2.40 26.38 -25.32
CA PRO A 166 2.80 26.50 -26.74
C PRO A 166 4.26 26.24 -27.05
N GLU A 167 5.14 26.34 -26.04
CA GLU A 167 6.58 26.20 -26.27
C GLU A 167 7.27 25.32 -25.26
N ARG A 168 8.32 24.62 -25.69
CA ARG A 168 9.10 23.77 -24.81
C ARG A 168 9.84 24.56 -23.73
N TYR A 169 10.23 25.84 -23.99
CA TYR A 169 10.94 26.61 -22.94
C TYR A 169 10.08 26.85 -21.71
N MET A 170 8.76 27.11 -21.89
CA MET A 170 7.84 27.29 -20.77
C MET A 170 7.73 25.97 -19.99
N MET A 171 7.65 24.85 -20.71
CA MET A 171 7.56 23.52 -20.06
C MET A 171 8.77 23.27 -19.16
N ASN A 172 9.99 23.52 -19.68
CA ASN A 172 11.19 23.30 -18.89
C ASN A 172 11.25 24.24 -17.69
N SER A 173 10.75 25.49 -17.84
CA SER A 173 10.76 26.41 -16.70
C SER A 173 9.79 25.90 -15.62
N VAL A 174 8.62 25.41 -16.03
CA VAL A 174 7.65 24.89 -15.05
C VAL A 174 8.25 23.67 -14.31
N LEU A 175 8.96 22.81 -15.04
CA LEU A 175 9.62 21.63 -14.49
C LEU A 175 10.76 21.89 -13.52
N GLU A 176 11.23 23.15 -13.46
CA GLU A 176 12.29 23.53 -12.55
C GLU A 176 11.88 23.27 -11.08
N ASN A 177 10.57 23.32 -10.78
CA ASN A 177 10.09 23.11 -9.42
C ASN A 177 9.44 21.75 -9.21
N PHE A 178 9.66 20.79 -10.12
CA PHE A 178 9.03 19.49 -10.02
C PHE A 178 10.10 18.39 -9.91
N THR A 179 9.91 17.45 -8.98
CA THR A 179 10.81 16.30 -8.86
C THR A 179 9.99 15.07 -8.41
N ILE A 180 10.59 13.90 -8.58
CA ILE A 180 9.99 12.66 -8.06
C ILE A 180 11.07 11.92 -7.29
N LEU A 181 10.73 11.32 -6.14
CA LEU A 181 11.69 10.56 -5.34
C LEU A 181 11.09 9.16 -5.21
N GLN A 182 11.86 8.13 -5.55
CA GLN A 182 11.39 6.75 -5.44
C GLN A 182 12.26 6.08 -4.38
N VAL A 183 11.65 5.48 -3.34
CA VAL A 183 12.41 4.86 -2.27
C VAL A 183 11.96 3.40 -2.19
N MET A 184 12.90 2.48 -2.40
CA MET A 184 12.66 1.04 -2.39
C MET A 184 13.15 0.51 -1.09
N ARG A 185 12.29 -0.18 -0.36
CA ARG A 185 12.69 -0.72 0.95
C ARG A 185 12.34 -2.18 1.06
N ALA A 186 13.04 -2.89 1.98
CA ALA A 186 12.66 -4.27 2.34
C ALA A 186 11.67 -4.10 3.49
N ARG A 187 10.48 -4.69 3.38
CA ARG A 187 9.44 -4.49 4.38
C ARG A 187 9.84 -4.87 5.81
N GLU A 188 10.45 -6.02 5.97
CA GLU A 188 10.78 -6.55 7.31
C GLU A 188 11.78 -5.72 8.09
N THR A 189 12.84 -5.27 7.44
CA THR A 189 13.89 -4.50 8.12
C THR A 189 13.76 -2.99 7.97
N GLN A 190 12.95 -2.54 6.99
CA GLN A 190 12.80 -1.13 6.60
C GLN A 190 14.09 -0.55 6.01
N GLU A 191 15.04 -1.41 5.59
CA GLU A 191 16.28 -0.92 5.00
C GLU A 191 16.03 -0.33 3.61
N THR A 192 16.81 0.68 3.24
CA THR A 192 16.71 1.26 1.91
C THR A 192 17.50 0.37 0.96
N LEU A 193 16.81 -0.22 -0.02
CA LEU A 193 17.44 -1.05 -1.04
C LEU A 193 17.94 -0.21 -2.21
N LEU A 194 17.21 0.84 -2.55
CA LEU A 194 17.53 1.69 -3.66
C LEU A 194 16.74 2.99 -3.48
N CYS A 195 17.31 4.09 -3.97
CA CYS A 195 16.62 5.36 -3.90
C CYS A 195 16.99 6.14 -5.15
N ILE A 196 15.98 6.54 -5.92
CA ILE A 196 16.20 7.24 -7.18
C ILE A 196 15.51 8.59 -7.16
N ALA A 197 16.27 9.64 -7.36
CA ALA A 197 15.74 11.00 -7.46
C ALA A 197 15.60 11.30 -8.96
N TYR A 198 14.47 11.88 -9.37
CA TYR A 198 14.26 12.19 -10.78
C TYR A 198 14.11 13.68 -11.01
N VAL A 199 14.77 14.19 -12.04
CA VAL A 199 14.67 15.57 -12.50
C VAL A 199 14.35 15.50 -14.00
N PHE A 200 13.43 16.32 -14.49
CA PHE A 200 13.02 16.28 -15.89
C PHE A 200 13.16 17.57 -16.67
N GLU A 201 13.34 17.40 -17.97
CA GLU A 201 13.17 18.38 -19.03
C GLU A 201 12.31 17.65 -20.08
N VAL A 202 11.78 18.38 -21.06
CA VAL A 202 10.97 17.78 -22.09
C VAL A 202 11.86 17.51 -23.31
N ALA A 203 11.71 16.35 -23.93
CA ALA A 203 12.50 16.02 -25.12
C ALA A 203 12.13 16.95 -26.28
N ALA A 204 13.10 17.19 -27.16
CA ALA A 204 12.87 18.01 -28.36
C ALA A 204 11.85 17.30 -29.26
N GLN A 205 11.13 18.08 -30.09
CA GLN A 205 10.05 17.58 -30.96
C GLN A 205 10.41 16.36 -31.81
N ASN A 206 11.62 16.33 -32.37
CA ASN A 206 12.03 15.19 -33.23
C ASN A 206 12.78 14.09 -32.49
N SER A 207 12.77 14.11 -31.15
CA SER A 207 13.52 13.14 -30.38
C SER A 207 12.66 12.31 -29.45
N GLY A 208 13.12 11.11 -29.12
CA GLY A 208 12.43 10.28 -28.15
C GLY A 208 12.93 10.57 -26.74
N THR A 209 12.54 9.75 -25.76
CA THR A 209 12.99 9.96 -24.39
C THR A 209 14.43 9.46 -24.23
N THR A 210 15.24 10.22 -23.52
CA THR A 210 16.61 9.86 -23.22
C THR A 210 16.87 10.24 -21.74
N HIS A 211 17.99 9.80 -21.19
CA HIS A 211 18.33 10.14 -19.81
C HIS A 211 19.79 9.98 -19.51
N HIS A 212 20.23 10.56 -18.39
CA HIS A 212 21.56 10.32 -17.82
C HIS A 212 21.33 9.80 -16.40
N ILE A 213 22.21 8.92 -15.93
CA ILE A 213 22.12 8.37 -14.57
C ILE A 213 23.39 8.78 -13.84
N TYR A 214 23.24 9.31 -12.61
CA TYR A 214 24.38 9.74 -11.80
C TYR A 214 24.38 9.09 -10.45
N ARG A 215 25.56 8.77 -9.92
CA ARG A 215 25.67 8.28 -8.55
C ARG A 215 25.64 9.53 -7.67
N LEU A 216 25.04 9.42 -6.49
CA LEU A 216 24.99 10.56 -5.57
C LEU A 216 26.02 10.37 -4.48
N ILE A 217 26.88 11.37 -4.29
CA ILE A 217 27.94 11.38 -3.28
C ILE A 217 27.83 12.61 -2.37
N LYS A 218 28.56 12.63 -1.26
CA LYS A 218 28.58 13.81 -0.37
C LYS A 218 30.05 14.12 -0.16
N GLU A 219 30.64 14.91 -1.08
CA GLU A 219 32.05 15.26 -1.04
C GLU A 219 32.39 16.24 0.09
N ALA B 3 -13.63 -1.73 25.71
CA ALA B 3 -13.30 -1.06 24.46
C ALA B 3 -11.95 -1.52 23.92
N ILE B 4 -11.82 -1.51 22.59
CA ILE B 4 -10.59 -1.92 21.95
C ILE B 4 -9.75 -0.66 21.93
N ALA B 5 -8.90 -0.52 22.95
CA ALA B 5 -8.12 0.70 23.11
C ALA B 5 -6.92 0.51 24.02
N THR B 6 -5.91 1.34 23.81
CA THR B 6 -4.76 1.50 24.69
C THR B 6 -4.90 2.97 25.20
N HIS B 7 -3.94 3.48 26.01
CA HIS B 7 -3.98 4.88 26.44
C HIS B 7 -3.78 5.84 25.26
N LYS B 8 -3.19 5.37 24.14
CA LYS B 8 -2.88 6.27 23.05
C LYS B 8 -3.62 6.03 21.76
N PHE B 9 -4.29 4.89 21.61
CA PHE B 9 -4.97 4.61 20.34
C PHE B 9 -6.24 3.82 20.59
N ARG B 10 -7.31 4.10 19.81
CA ARG B 10 -8.56 3.37 20.02
C ARG B 10 -9.37 3.14 18.77
N LEU B 11 -10.08 2.00 18.73
CA LEU B 11 -10.98 1.71 17.61
C LEU B 11 -12.31 2.34 17.98
N LEU B 12 -12.85 3.16 17.09
CA LEU B 12 -14.14 3.82 17.28
C LEU B 12 -15.24 3.05 16.57
N GLU B 13 -14.94 2.49 15.37
CA GLU B 13 -15.94 1.76 14.60
C GLU B 13 -15.28 0.77 13.67
N PHE B 14 -15.92 -0.38 13.44
CA PHE B 14 -15.47 -1.33 12.44
C PHE B 14 -16.76 -1.91 11.87
N THR B 15 -17.11 -1.57 10.62
CA THR B 15 -18.35 -2.05 10.04
C THR B 15 -18.08 -2.77 8.75
N ALA B 16 -18.41 -4.08 8.67
CA ALA B 16 -18.25 -4.82 7.42
C ALA B 16 -19.64 -4.93 6.82
N PHE B 17 -19.78 -4.64 5.51
CA PHE B 17 -21.12 -4.58 4.94
C PHE B 17 -21.18 -4.89 3.46
N MET B 18 -22.41 -4.98 2.91
CA MET B 18 -22.63 -5.02 1.47
C MET B 18 -23.70 -3.97 1.12
N GLU B 19 -23.52 -3.29 0.00
CA GLU B 19 -24.46 -2.28 -0.47
C GLU B 19 -25.01 -2.73 -1.81
N ILE B 20 -26.28 -2.43 -2.02
CA ILE B 20 -26.98 -2.76 -3.26
C ILE B 20 -27.84 -1.57 -3.67
N GLN B 21 -27.82 -1.22 -4.97
CA GLN B 21 -28.66 -0.17 -5.53
C GLN B 21 -29.43 -0.79 -6.69
N ARG B 22 -30.77 -0.75 -6.65
CA ARG B 22 -31.58 -1.26 -7.75
C ARG B 22 -32.61 -0.18 -8.00
N ASP B 23 -32.42 0.56 -9.11
CA ASP B 23 -33.24 1.71 -9.50
C ASP B 23 -33.24 2.76 -8.36
N GLU B 24 -34.40 3.10 -7.78
CA GLU B 24 -34.45 4.09 -6.70
C GLU B 24 -34.54 3.44 -5.33
N ILE B 25 -33.87 2.28 -5.14
CA ILE B 25 -33.92 1.61 -3.85
C ILE B 25 -32.54 1.23 -3.40
N TYR B 26 -32.10 1.76 -2.27
CA TYR B 26 -30.77 1.46 -1.73
C TYR B 26 -30.91 0.60 -0.49
N HIS B 27 -30.05 -0.43 -0.36
CA HIS B 27 -30.04 -1.27 0.83
C HIS B 27 -28.58 -1.50 1.24
N ARG B 28 -28.34 -1.42 2.55
CA ARG B 28 -27.04 -1.72 3.13
C ARG B 28 -27.27 -2.81 4.17
N HIS B 29 -26.47 -3.86 4.11
CA HIS B 29 -26.62 -4.97 5.04
C HIS B 29 -25.33 -5.08 5.86
N LEU B 30 -25.42 -5.14 7.18
CA LEU B 30 -24.25 -5.22 8.05
C LEU B 30 -23.90 -6.64 8.42
N PHE B 31 -22.71 -7.09 8.03
CA PHE B 31 -22.23 -8.42 8.39
C PHE B 31 -21.68 -8.41 9.81
N VAL B 32 -20.91 -7.37 10.16
CA VAL B 32 -20.22 -7.22 11.44
C VAL B 32 -20.25 -5.75 11.81
N GLN B 33 -20.42 -5.41 13.10
CA GLN B 33 -20.38 -4.01 13.51
C GLN B 33 -19.86 -3.88 14.94
N LEU B 34 -18.64 -3.36 15.09
CA LEU B 34 -18.05 -3.10 16.39
C LEU B 34 -18.12 -1.59 16.61
N GLY B 35 -18.23 -1.17 17.86
CA GLY B 35 -18.31 0.24 18.21
C GLY B 35 -19.71 0.76 18.03
N LEU B 45 -14.47 -6.12 30.26
CA LEU B 45 -14.13 -7.21 29.35
C LEU B 45 -13.61 -8.48 30.04
N GLU B 46 -13.91 -9.64 29.46
CA GLU B 46 -13.37 -10.91 29.92
C GLU B 46 -12.01 -11.12 29.23
N THR B 47 -11.22 -12.11 29.68
CA THR B 47 -9.90 -12.35 29.08
C THR B 47 -9.78 -13.73 28.47
N VAL B 48 -8.88 -13.85 27.47
CA VAL B 48 -8.57 -15.12 26.85
C VAL B 48 -7.06 -15.31 26.89
N ASP B 49 -6.60 -16.52 27.21
CA ASP B 49 -5.18 -16.85 27.21
C ASP B 49 -4.81 -16.97 25.71
N ILE B 50 -3.90 -16.10 25.21
CA ILE B 50 -3.50 -16.07 23.82
C ILE B 50 -2.82 -17.38 23.33
N ARG B 51 -2.24 -18.16 24.26
CA ARG B 51 -1.66 -19.45 23.88
C ARG B 51 -2.73 -20.39 23.32
N GLN B 52 -4.01 -20.18 23.67
CA GLN B 52 -5.12 -20.99 23.17
C GLN B 52 -5.44 -20.70 21.70
N ILE B 53 -4.92 -19.61 21.10
CA ILE B 53 -5.23 -19.29 19.71
C ILE B 53 -4.01 -19.20 18.80
N PHE B 54 -2.77 -19.34 19.33
CA PHE B 54 -1.57 -19.20 18.48
C PHE B 54 -1.60 -20.06 17.17
N ASP B 55 -2.04 -21.33 17.22
CA ASP B 55 -2.01 -22.18 16.02
C ASP B 55 -3.11 -21.85 14.97
N LYS B 56 -3.99 -20.88 15.28
CA LYS B 56 -5.01 -20.45 14.31
C LYS B 56 -4.56 -19.21 13.49
N PHE B 57 -3.30 -18.79 13.66
CA PHE B 57 -2.72 -17.62 12.98
C PHE B 57 -1.31 -17.96 12.55
N PRO B 58 -0.77 -17.25 11.54
CA PRO B 58 0.60 -17.52 11.08
C PRO B 58 1.62 -17.40 12.23
N GLU B 59 2.56 -18.35 12.34
CA GLU B 59 3.52 -18.29 13.44
C GLU B 59 4.97 -18.24 12.97
N LYS B 60 5.22 -17.61 11.84
CA LYS B 60 6.59 -17.41 11.36
C LYS B 60 7.05 -16.01 11.86
N SER B 61 8.03 -15.34 11.21
CA SER B 61 8.46 -14.01 11.63
C SER B 61 7.32 -13.04 11.41
N GLY B 62 7.04 -12.21 12.41
CA GLY B 62 5.96 -11.24 12.32
C GLY B 62 4.58 -11.81 12.61
N GLY B 63 4.52 -13.03 13.15
CA GLY B 63 3.27 -13.71 13.48
C GLY B 63 2.64 -13.23 14.78
N LEU B 64 1.46 -13.77 15.15
CA LEU B 64 0.79 -13.34 16.38
C LEU B 64 1.66 -13.49 17.62
N LYS B 65 2.38 -14.62 17.75
CA LYS B 65 3.24 -14.85 18.91
C LYS B 65 4.36 -13.82 18.98
N ASP B 66 5.04 -13.59 17.83
CA ASP B 66 6.13 -12.63 17.67
C ASP B 66 5.65 -11.24 18.05
N LEU B 67 4.49 -10.84 17.52
CA LEU B 67 3.89 -9.53 17.77
C LEU B 67 3.55 -9.38 19.26
N TYR B 68 2.96 -10.41 19.86
CA TYR B 68 2.59 -10.36 21.27
C TYR B 68 3.83 -10.18 22.15
N GLU B 69 4.91 -10.91 21.85
CA GLU B 69 6.13 -10.84 22.66
C GLU B 69 6.75 -9.46 22.60
N LYS B 70 6.75 -8.85 21.41
CA LYS B 70 7.28 -7.52 21.22
C LYS B 70 6.43 -6.46 21.96
N GLY B 71 5.13 -6.66 22.01
CA GLY B 71 4.24 -5.77 22.72
C GLY B 71 3.88 -4.46 22.04
N PRO B 72 3.14 -3.56 22.72
CA PRO B 72 2.61 -3.67 24.11
C PRO B 72 1.52 -4.71 24.20
N GLN B 73 1.57 -5.55 25.23
CA GLN B 73 0.59 -6.63 25.40
C GLN B 73 -0.83 -6.11 25.60
N ASN B 74 -1.00 -4.89 26.11
CA ASN B 74 -2.35 -4.33 26.31
C ASN B 74 -3.06 -3.90 25.00
N ALA B 75 -2.37 -3.97 23.87
CA ALA B 75 -2.95 -3.62 22.57
C ALA B 75 -3.59 -4.81 21.87
N PHE B 76 -3.58 -6.01 22.46
CA PHE B 76 -4.07 -7.22 21.80
C PHE B 76 -5.44 -7.65 22.26
N TYR B 77 -6.36 -7.88 21.30
CA TYR B 77 -7.74 -8.25 21.57
C TYR B 77 -8.20 -9.40 20.69
N LEU B 78 -9.17 -10.18 21.19
CA LEU B 78 -9.77 -11.23 20.43
C LEU B 78 -11.26 -10.91 20.35
N VAL B 79 -11.81 -10.91 19.15
CA VAL B 79 -13.23 -10.65 18.94
C VAL B 79 -13.93 -11.92 18.44
N LYS B 80 -14.93 -12.41 19.19
CA LYS B 80 -15.73 -13.55 18.75
C LYS B 80 -16.98 -12.88 18.15
N CYS B 81 -17.21 -13.08 16.84
CA CYS B 81 -18.33 -12.43 16.19
C CYS B 81 -19.31 -13.41 15.59
N TRP B 82 -20.62 -13.10 15.71
CA TRP B 82 -21.66 -13.87 15.07
C TRP B 82 -22.05 -12.99 13.87
N ALA B 83 -21.52 -13.33 12.70
CA ALA B 83 -21.73 -12.54 11.50
C ALA B 83 -23.13 -12.75 10.97
N ASP B 84 -23.79 -11.66 10.55
CA ASP B 84 -25.14 -11.76 10.03
C ASP B 84 -25.09 -12.06 8.54
N LEU B 85 -25.48 -13.28 8.15
CA LEU B 85 -25.55 -13.64 6.75
C LEU B 85 -26.98 -13.68 6.20
N ASN B 86 -27.97 -13.16 6.95
CA ASN B 86 -29.34 -13.12 6.48
C ASN B 86 -29.56 -11.90 5.62
N THR B 87 -29.39 -12.09 4.30
CA THR B 87 -29.64 -11.06 3.31
C THR B 87 -30.02 -11.69 1.97
N GLY B 96 -24.62 -8.58 -4.53
CA GLY B 96 -24.54 -7.20 -4.10
C GLY B 96 -23.58 -6.37 -4.92
N ASP B 97 -23.81 -5.07 -4.97
CA ASP B 97 -22.98 -4.18 -5.75
C ASP B 97 -21.60 -3.96 -5.14
N PHE B 98 -21.52 -3.82 -3.81
CA PHE B 98 -20.22 -3.56 -3.18
C PHE B 98 -20.09 -4.22 -1.84
N TYR B 99 -18.97 -4.91 -1.60
CA TYR B 99 -18.71 -5.50 -0.29
C TYR B 99 -17.52 -4.74 0.25
N GLY B 100 -17.65 -4.19 1.46
CA GLY B 100 -16.56 -3.41 2.02
C GLY B 100 -16.54 -3.30 3.52
N VAL B 101 -15.58 -2.55 4.03
CA VAL B 101 -15.42 -2.36 5.46
C VAL B 101 -15.10 -0.89 5.70
N THR B 102 -15.79 -0.25 6.64
CA THR B 102 -15.50 1.14 6.99
C THR B 102 -15.07 1.13 8.44
N SER B 103 -13.92 1.71 8.74
CA SER B 103 -13.46 1.74 10.14
C SER B 103 -12.99 3.12 10.52
N GLN B 104 -12.99 3.40 11.81
CA GLN B 104 -12.58 4.72 12.30
C GLN B 104 -11.78 4.52 13.58
N TYR B 105 -10.71 5.32 13.76
CA TYR B 105 -9.79 5.20 14.88
C TYR B 105 -9.44 6.60 15.40
N GLU B 106 -8.94 6.63 16.62
CA GLU B 106 -8.55 7.88 17.28
C GLU B 106 -7.19 7.67 17.91
N SER B 107 -6.38 8.73 17.95
CA SER B 107 -5.07 8.66 18.57
C SER B 107 -4.74 9.97 19.25
N ASN B 108 -3.96 9.90 20.33
CA ASN B 108 -3.48 11.13 20.97
C ASN B 108 -2.11 11.57 20.36
N GLU B 109 -1.54 10.76 19.43
CA GLU B 109 -0.30 11.07 18.73
C GLU B 109 -0.53 11.11 17.24
N ASN B 110 0.16 12.03 16.57
CA ASN B 110 0.04 12.19 15.14
C ASN B 110 0.87 11.15 14.40
N VAL B 111 0.28 9.98 14.12
CA VAL B 111 0.99 8.92 13.38
C VAL B 111 0.42 8.77 11.98
N VAL B 112 1.11 8.06 11.10
CA VAL B 112 0.55 7.64 9.84
C VAL B 112 0.08 6.21 10.22
N LEU B 113 -1.24 5.99 10.22
CA LEU B 113 -1.79 4.68 10.62
C LEU B 113 -1.63 3.68 9.49
N VAL B 114 -1.11 2.48 9.76
CA VAL B 114 -1.01 1.43 8.77
C VAL B 114 -1.84 0.26 9.29
N CYS B 115 -2.82 -0.19 8.53
CA CYS B 115 -3.67 -1.31 8.94
C CYS B 115 -3.42 -2.49 8.02
N SER B 116 -2.96 -3.61 8.59
CA SER B 116 -2.74 -4.84 7.82
C SER B 116 -3.80 -5.84 8.23
N THR B 117 -4.56 -6.38 7.27
CA THR B 117 -5.59 -7.38 7.55
C THR B 117 -5.16 -8.65 6.89
N ILE B 118 -5.01 -9.72 7.67
CA ILE B 118 -4.55 -11.01 7.17
C ILE B 118 -5.74 -12.00 7.24
N VAL B 119 -6.18 -12.49 6.09
CA VAL B 119 -7.25 -13.47 6.02
C VAL B 119 -6.57 -14.81 6.08
N CYS B 120 -6.93 -15.63 7.09
CA CYS B 120 -6.26 -16.89 7.33
C CYS B 120 -7.17 -18.09 7.22
N SER B 121 -6.66 -19.14 6.63
CA SER B 121 -7.37 -20.42 6.60
C SER B 121 -6.36 -21.47 7.05
N PHE B 122 -6.77 -22.36 7.97
CA PHE B 122 -5.87 -23.36 8.52
C PHE B 122 -4.62 -22.70 9.19
N GLY B 123 -4.79 -21.50 9.73
CA GLY B 123 -3.74 -20.76 10.41
C GLY B 123 -2.71 -20.13 9.49
N LYS B 124 -2.96 -20.11 8.17
CA LYS B 124 -1.98 -19.54 7.21
C LYS B 124 -2.59 -18.41 6.41
N GLN B 125 -1.79 -17.41 6.09
CA GLN B 125 -2.27 -16.27 5.31
C GLN B 125 -2.66 -16.71 3.91
N VAL B 126 -3.84 -16.32 3.47
CA VAL B 126 -4.27 -16.55 2.10
C VAL B 126 -4.47 -15.19 1.39
N VAL B 127 -4.80 -14.12 2.13
CA VAL B 127 -4.91 -12.77 1.57
C VAL B 127 -4.35 -11.81 2.60
N GLU B 128 -3.61 -10.79 2.16
CA GLU B 128 -3.15 -9.71 3.03
C GLU B 128 -3.64 -8.42 2.38
C MYK B 129 -3.80 -5.23 3.52
N MYK B 129 -4.19 -7.54 3.19
O MYK B 129 -3.65 -5.43 4.72
CA MYK B 129 -4.60 -6.24 2.68
CB MYK B 129 -6.13 -6.07 2.82
CD MYK B 129 -8.31 -4.81 2.75
CE MYK B 129 -8.76 -6.23 3.21
CG MYK B 129 -6.75 -4.65 2.71
CI MYK B 129 -11.87 -8.39 6.66
CK MYK B 129 -13.23 -8.06 7.31
CL MYK B 129 -14.34 -9.01 6.80
CM MYK B 129 -15.44 -9.15 7.89
CP MYK B 129 -16.03 -10.58 7.86
CQ MYK B 129 -17.12 -13.06 7.66
CR MYK B 129 -17.54 -10.53 7.52
CS MYK B 129 -17.65 -14.34 6.98
CT MYK B 129 -11.98 -8.35 5.12
CU MYK B 129 -18.19 -11.94 7.63
CV MYK B 129 -19.25 -15.66 8.48
CW MYK B 129 -17.78 -15.46 8.05
CX MYK B 129 -10.67 -7.75 3.04
OX MYK B 129 -11.51 -8.45 2.49
CY MYK B 129 -10.68 -7.73 4.54
NZ MYK B 129 -9.73 -6.99 2.40
N VAL B 130 -3.21 -4.23 2.88
CA VAL B 130 -2.46 -3.20 3.60
C VAL B 130 -3.09 -1.88 3.21
N GLU B 131 -3.38 -1.06 4.20
CA GLU B 131 -3.96 0.26 3.97
C GLU B 131 -3.32 1.23 4.90
N SER B 132 -3.30 2.50 4.52
CA SER B 132 -2.76 3.51 5.41
C SER B 132 -3.55 4.80 5.35
N GLU B 133 -3.57 5.54 6.48
CA GLU B 133 -4.31 6.80 6.53
C GLU B 133 -3.51 7.85 7.25
N TYR B 134 -3.54 9.06 6.72
CA TYR B 134 -2.93 10.19 7.38
C TYR B 134 -4.00 10.71 8.35
N SER B 135 -3.56 11.41 9.40
CA SER B 135 -4.42 11.94 10.43
C SER B 135 -5.17 13.20 10.02
N ARG B 136 -6.29 13.48 10.74
CA ARG B 136 -7.02 14.74 10.63
C ARG B 136 -7.21 15.18 12.07
N LEU B 137 -6.78 16.41 12.40
CA LEU B 137 -6.92 16.90 13.77
C LEU B 137 -8.38 17.36 13.96
N GLU B 138 -9.11 16.71 14.88
CA GLU B 138 -10.49 17.07 15.19
C GLU B 138 -10.69 17.04 16.70
N ASN B 139 -11.14 18.17 17.29
CA ASN B 139 -11.37 18.31 18.74
C ASN B 139 -10.18 17.85 19.58
N ASN B 140 -8.97 18.31 19.21
CA ASN B 140 -7.71 18.01 19.90
C ASN B 140 -7.29 16.54 19.88
N ARG B 141 -7.80 15.78 18.92
CA ARG B 141 -7.43 14.38 18.78
C ARG B 141 -7.15 14.09 17.31
N TYR B 142 -6.41 13.03 17.03
CA TYR B 142 -6.10 12.67 15.65
C TYR B 142 -7.06 11.57 15.24
N VAL B 143 -7.86 11.81 14.20
CA VAL B 143 -8.86 10.86 13.73
C VAL B 143 -8.44 10.25 12.41
N TYR B 144 -8.67 8.94 12.25
CA TYR B 144 -8.31 8.18 11.05
C TYR B 144 -9.55 7.48 10.58
N ARG B 145 -9.85 7.50 9.29
CA ARG B 145 -11.04 6.83 8.77
C ARG B 145 -10.70 6.07 7.50
N ILE B 146 -10.86 4.73 7.54
CA ILE B 146 -10.65 3.92 6.35
C ILE B 146 -12.06 3.77 5.80
N GLN B 147 -12.35 4.53 4.75
CA GLN B 147 -13.68 4.61 4.17
C GLN B 147 -13.90 3.57 3.07
N ARG B 148 -14.92 2.68 3.25
CA ARG B 148 -15.34 1.76 2.22
C ARG B 148 -14.19 0.99 1.57
N SER B 149 -13.36 0.37 2.41
CA SER B 149 -12.27 -0.48 1.95
C SER B 149 -12.89 -1.70 1.27
N PRO B 150 -12.62 -1.94 -0.03
CA PRO B 150 -13.27 -3.08 -0.70
C PRO B 150 -12.83 -4.43 -0.17
N MET B 151 -13.79 -5.35 0.04
CA MET B 151 -13.46 -6.70 0.47
C MET B 151 -12.78 -7.40 -0.70
N CYS B 152 -11.82 -8.30 -0.40
CA CYS B 152 -11.16 -9.06 -1.43
C CYS B 152 -12.13 -10.12 -2.01
N GLU B 153 -11.86 -10.61 -3.22
CA GLU B 153 -12.71 -11.59 -3.88
C GLU B 153 -12.82 -12.89 -3.11
N TYR B 154 -11.77 -13.28 -2.37
CA TYR B 154 -11.80 -14.48 -1.55
C TYR B 154 -12.92 -14.35 -0.50
N MET B 155 -13.01 -13.19 0.16
CA MET B 155 -14.03 -12.94 1.19
C MET B 155 -15.41 -12.88 0.61
N ILE B 156 -15.58 -12.23 -0.55
CA ILE B 156 -16.88 -12.14 -1.20
C ILE B 156 -17.38 -13.55 -1.59
N ASN B 157 -16.50 -14.34 -2.21
CA ASN B 157 -16.87 -15.70 -2.61
C ASN B 157 -17.10 -16.60 -1.40
N PHE B 158 -16.38 -16.37 -0.31
CA PHE B 158 -16.54 -17.16 0.92
C PHE B 158 -17.91 -16.90 1.51
N ILE B 159 -18.31 -15.63 1.64
CA ILE B 159 -19.63 -15.26 2.13
C ILE B 159 -20.72 -15.88 1.25
N GLN B 160 -20.59 -15.76 -0.09
CA GLN B 160 -21.59 -16.35 -1.00
C GLN B 160 -21.68 -17.87 -0.89
N LYS B 161 -20.53 -18.57 -0.84
CA LYS B 161 -20.53 -20.02 -0.70
C LYS B 161 -21.07 -20.49 0.67
N LEU B 162 -20.78 -19.74 1.76
CA LEU B 162 -21.33 -20.09 3.09
C LEU B 162 -22.86 -19.94 3.07
N LYS B 163 -23.35 -18.90 2.42
CA LYS B 163 -24.78 -18.61 2.32
C LYS B 163 -25.52 -19.65 1.46
N ASN B 164 -24.82 -20.31 0.52
CA ASN B 164 -25.41 -21.36 -0.29
C ASN B 164 -25.50 -22.70 0.45
N LEU B 165 -24.93 -22.81 1.66
CA LEU B 165 -25.03 -24.04 2.43
C LEU B 165 -26.45 -24.04 3.01
N PRO B 166 -27.11 -25.20 2.99
CA PRO B 166 -28.52 -25.23 3.43
C PRO B 166 -28.75 -25.02 4.93
N GLU B 167 -27.71 -25.21 5.75
CA GLU B 167 -27.86 -25.13 7.20
C GLU B 167 -26.76 -24.34 7.90
N ARG B 168 -27.11 -23.66 8.99
CA ARG B 168 -26.12 -22.89 9.75
C ARG B 168 -25.07 -23.79 10.40
N TYR B 169 -25.42 -25.09 10.69
CA TYR B 169 -24.45 -25.95 11.37
C TYR B 169 -23.24 -26.25 10.45
N MET B 170 -23.44 -26.40 9.13
CA MET B 170 -22.36 -26.61 8.18
C MET B 170 -21.52 -25.32 8.07
N MET B 171 -22.17 -24.15 8.09
CA MET B 171 -21.44 -22.87 8.04
C MET B 171 -20.47 -22.74 9.23
N ASN B 172 -20.95 -23.05 10.45
CA ASN B 172 -20.09 -22.93 11.62
C ASN B 172 -18.95 -23.95 11.57
N SER B 173 -19.20 -25.16 11.03
CA SER B 173 -18.14 -26.18 10.93
C SER B 173 -17.04 -25.67 9.96
N VAL B 174 -17.46 -25.09 8.84
CA VAL B 174 -16.49 -24.59 7.85
C VAL B 174 -15.66 -23.43 8.48
N LEU B 175 -16.34 -22.57 9.27
CA LEU B 175 -15.71 -21.44 9.94
C LEU B 175 -14.69 -21.82 10.99
N GLU B 176 -14.69 -23.08 11.44
CA GLU B 176 -13.73 -23.54 12.44
C GLU B 176 -12.28 -23.35 11.99
N ASN B 177 -12.04 -23.37 10.67
CA ASN B 177 -10.68 -23.22 10.14
C ASN B 177 -10.40 -21.84 9.57
N PHE B 178 -11.24 -20.85 9.85
CA PHE B 178 -11.10 -19.53 9.30
C PHE B 178 -10.85 -18.50 10.40
N THR B 179 -9.88 -17.60 10.20
CA THR B 179 -9.65 -16.50 11.14
C THR B 179 -9.20 -15.24 10.35
N ILE B 180 -9.26 -14.09 11.01
CA ILE B 180 -8.72 -12.85 10.43
C ILE B 180 -7.86 -12.21 11.51
N LEU B 181 -6.72 -11.62 11.13
CA LEU B 181 -5.91 -10.87 12.08
C LEU B 181 -5.74 -9.48 11.55
N GLN B 182 -5.93 -8.47 12.40
CA GLN B 182 -5.69 -7.09 11.98
C GLN B 182 -4.57 -6.55 12.84
N VAL B 183 -3.56 -5.93 12.21
CA VAL B 183 -2.45 -5.35 12.93
C VAL B 183 -2.39 -3.89 12.51
N MET B 184 -2.51 -2.99 13.49
CA MET B 184 -2.51 -1.55 13.25
C MET B 184 -1.18 -1.03 13.78
N ARG B 185 -0.41 -0.36 12.93
CA ARG B 185 0.91 0.13 13.30
C ARG B 185 1.07 1.61 13.01
N ALA B 186 2.04 2.24 13.68
CA ALA B 186 2.42 3.64 13.36
C ALA B 186 3.51 3.48 12.32
N ARG B 187 3.38 4.13 11.16
CA ARG B 187 4.33 3.94 10.08
C ARG B 187 5.78 4.30 10.41
N GLU B 188 5.99 5.43 11.07
CA GLU B 188 7.35 5.90 11.35
C GLU B 188 8.14 5.01 12.28
N THR B 189 7.53 4.51 13.36
CA THR B 189 8.25 3.67 14.32
C THR B 189 8.05 2.17 14.13
N GLN B 190 7.02 1.78 13.34
CA GLN B 190 6.59 0.40 13.15
C GLN B 190 6.04 -0.25 14.44
N GLU B 191 5.68 0.58 15.43
CA GLU B 191 5.13 0.06 16.68
C GLU B 191 3.71 -0.47 16.48
N THR B 192 3.35 -1.50 17.25
CA THR B 192 2.00 -2.04 17.18
C THR B 192 1.12 -1.13 18.03
N LEU B 193 0.11 -0.52 17.41
CA LEU B 193 -0.84 0.34 18.11
C LEU B 193 -2.02 -0.48 18.64
N LEU B 194 -2.43 -1.49 17.87
CA LEU B 194 -3.56 -2.32 18.21
C LEU B 194 -3.45 -3.60 17.35
N CYS B 195 -3.94 -4.71 17.89
CA CYS B 195 -3.94 -5.97 17.16
C CYS B 195 -5.20 -6.71 17.54
N ILE B 196 -6.02 -7.08 16.54
CA ILE B 196 -7.30 -7.73 16.79
C ILE B 196 -7.38 -9.04 16.04
N ALA B 197 -7.61 -10.13 16.76
CA ALA B 197 -7.81 -11.45 16.19
C ALA B 197 -9.33 -11.65 16.08
N TYR B 198 -9.81 -12.20 14.98
CA TYR B 198 -11.25 -12.43 14.80
C TYR B 198 -11.57 -13.90 14.60
N VAL B 199 -12.59 -14.38 15.30
CA VAL B 199 -13.11 -15.74 15.15
C VAL B 199 -14.64 -15.57 14.91
N PHE B 200 -15.22 -16.31 13.96
CA PHE B 200 -16.63 -16.16 13.63
C PHE B 200 -17.48 -17.43 13.76
N GLU B 201 -18.76 -17.21 14.01
CA GLU B 201 -19.87 -18.12 13.84
C GLU B 201 -20.92 -17.31 13.06
N VAL B 202 -21.95 -17.97 12.54
CA VAL B 202 -22.99 -17.26 11.80
C VAL B 202 -24.16 -16.98 12.75
N ALA B 203 -24.72 -15.77 12.70
CA ALA B 203 -25.84 -15.41 13.56
C ALA B 203 -27.06 -16.25 13.20
N ALA B 204 -27.91 -16.49 14.21
CA ALA B 204 -29.16 -17.22 13.99
C ALA B 204 -30.07 -16.41 13.05
N GLN B 205 -30.98 -17.10 12.34
CA GLN B 205 -31.86 -16.50 11.34
C GLN B 205 -32.63 -15.27 11.80
N ASN B 206 -33.13 -15.27 13.05
CA ASN B 206 -33.90 -14.11 13.53
C ASN B 206 -33.06 -13.10 14.32
N SER B 207 -31.73 -13.16 14.20
CA SER B 207 -30.87 -12.27 14.95
C SER B 207 -29.95 -11.46 14.05
N GLY B 208 -29.54 -10.30 14.55
CA GLY B 208 -28.56 -9.46 13.85
C GLY B 208 -27.16 -9.87 14.27
N THR B 209 -26.14 -9.09 13.87
CA THR B 209 -24.77 -9.42 14.26
C THR B 209 -24.51 -8.99 15.71
N THR B 210 -23.85 -9.85 16.46
CA THR B 210 -23.47 -9.58 17.84
C THR B 210 -22.02 -10.06 18.01
N HIS B 211 -21.38 -9.70 19.11
CA HIS B 211 -19.99 -10.11 19.34
C HIS B 211 -19.63 -10.03 20.80
N HIS B 212 -18.52 -10.67 21.17
CA HIS B 212 -17.89 -10.50 22.47
C HIS B 212 -16.45 -10.02 22.20
N ILE B 213 -15.92 -9.17 23.07
CA ILE B 213 -14.55 -8.68 22.92
C ILE B 213 -13.79 -9.15 24.15
N TYR B 214 -12.59 -9.72 23.94
CA TYR B 214 -11.76 -10.22 25.02
C TYR B 214 -10.37 -9.62 24.97
N ARG B 215 -9.79 -9.35 26.16
CA ARG B 215 -8.39 -8.94 26.21
C ARG B 215 -7.57 -10.22 26.10
N LEU B 216 -6.42 -10.17 25.43
CA LEU B 216 -5.55 -11.34 25.30
C LEU B 216 -4.43 -11.23 26.30
N ILE B 217 -4.32 -12.22 27.16
CA ILE B 217 -3.31 -12.23 28.20
C ILE B 217 -2.55 -13.60 28.19
N LYS B 218 -1.57 -13.74 29.07
CA LYS B 218 -0.93 -15.03 29.30
C LYS B 218 -1.31 -15.43 30.72
N GLU B 219 -1.72 -16.68 30.90
CA GLU B 219 -2.11 -17.19 32.21
C GLU B 219 -1.06 -18.19 32.71
N GLY C 2 -6.77 -1.59 -5.68
CA GLY C 2 -6.34 -2.89 -5.18
C GLY C 2 -4.84 -3.18 -5.20
N HIS C 3 -4.03 -2.39 -5.94
CA HIS C 3 -2.58 -2.68 -5.99
C HIS C 3 -1.68 -1.51 -5.59
N GLN C 4 -2.27 -0.48 -5.01
CA GLN C 4 -1.51 0.70 -4.63
C GLN C 4 -2.25 1.55 -3.59
N ILE C 5 -1.51 2.22 -2.74
CA ILE C 5 -2.04 3.18 -1.78
C ILE C 5 -1.64 4.55 -2.31
N VAL C 6 -2.59 5.48 -2.41
CA VAL C 6 -2.26 6.85 -2.93
C VAL C 6 -2.73 7.88 -1.96
N HIS C 7 -1.81 8.70 -1.47
CA HIS C 7 -2.13 9.76 -0.52
C HIS C 7 -1.93 11.07 -1.24
N VAL C 8 -3.05 11.76 -1.52
CA VAL C 8 -3.03 13.01 -2.24
C VAL C 8 -3.17 14.17 -1.24
N ARG C 9 -2.27 15.16 -1.30
CA ARG C 9 -2.37 16.34 -0.42
C ARG C 9 -3.70 17.06 -0.70
N GLY C 10 -4.36 17.52 0.35
CA GLY C 10 -5.69 18.13 0.26
C GLY C 10 -5.83 19.28 -0.72
N ASP C 11 -4.74 20.01 -0.93
CA ASP C 11 -4.70 21.17 -1.83
C ASP C 11 -3.97 20.83 -3.15
N SER C 12 -3.98 19.54 -3.58
CA SER C 12 -3.23 19.14 -4.79
C SER C 12 -3.59 19.95 -6.05
N GLU C 13 -4.88 20.29 -6.22
CA GLU C 13 -5.29 21.06 -7.38
C GLU C 13 -4.71 22.48 -7.39
N THR C 14 -4.67 23.16 -6.22
CA THR C 14 -4.07 24.49 -6.15
C THR C 14 -2.55 24.43 -6.23
N ASP C 15 -1.97 23.32 -5.76
CA ASP C 15 -0.56 23.11 -5.86
C ASP C 15 -0.16 22.98 -7.35
N LEU C 16 -0.95 22.26 -8.15
CA LEU C 16 -0.65 22.14 -9.59
C LEU C 16 -0.72 23.52 -10.26
N GLU C 17 -1.74 24.33 -9.89
CA GLU C 17 -1.85 25.69 -10.42
C GLU C 17 -0.63 26.53 -10.03
N ALA C 18 -0.09 26.30 -8.81
CA ALA C 18 1.09 27.03 -8.32
C ALA C 18 2.37 26.71 -9.07
N LEU C 19 2.51 25.45 -9.55
CA LEU C 19 3.65 25.05 -10.38
C LEU C 19 3.68 25.86 -11.65
N PHE C 20 2.51 26.10 -12.26
CA PHE C 20 2.46 26.88 -13.49
C PHE C 20 2.61 28.36 -13.22
N ASN C 21 1.91 28.86 -12.18
CA ASN C 21 1.97 30.28 -11.82
C ASN C 21 3.35 30.72 -11.34
N ALA C 22 4.21 29.79 -10.88
CA ALA C 22 5.59 30.14 -10.53
C ALA C 22 6.33 30.74 -11.76
N VAL C 23 5.93 30.32 -12.97
CA VAL C 23 6.49 30.83 -14.20
C VAL C 23 5.60 31.94 -14.80
N NLE C 24 4.30 31.65 -14.96
CA NLE C 24 3.36 32.57 -15.62
C NLE C 24 2.97 33.83 -14.82
O NLE C 24 2.64 34.86 -15.42
CB NLE C 24 2.09 31.80 -16.01
CG NLE C 24 2.28 30.50 -16.81
CD NLE C 24 3.17 30.67 -18.05
CE NLE C 24 3.59 29.39 -18.78
N ASN C 25 2.99 33.76 -13.50
CA ASN C 25 2.59 34.90 -12.63
C ASN C 25 3.44 34.86 -11.34
N PRO C 26 4.77 35.02 -11.45
CA PRO C 26 5.61 34.90 -10.25
C PRO C 26 5.39 35.95 -9.17
N GLN C 33 12.75 31.52 -2.83
CA GLN C 33 13.14 31.51 -4.24
C GLN C 33 13.90 30.22 -4.58
N THR C 34 13.47 29.53 -5.63
CA THR C 34 14.11 28.29 -6.03
C THR C 34 15.29 28.53 -6.97
N VAL C 35 16.39 27.80 -6.75
CA VAL C 35 17.58 27.98 -7.57
C VAL C 35 17.46 27.12 -8.82
N PRO C 36 17.46 27.71 -10.01
CA PRO C 36 17.38 26.90 -11.24
C PRO C 36 18.55 25.91 -11.35
N NLE C 37 18.33 24.74 -11.94
CA NLE C 37 19.38 23.73 -12.03
C NLE C 37 20.63 24.24 -12.75
O NLE C 37 21.74 23.85 -12.40
CB NLE C 37 18.98 22.39 -12.76
CG NLE C 37 17.91 21.53 -12.09
CD NLE C 37 18.42 21.07 -10.77
CE NLE C 37 18.72 19.61 -10.75
N ARG C 38 20.46 25.12 -13.74
CA ARG C 38 21.61 25.64 -14.48
C ARG C 38 22.58 26.44 -13.60
N LEU C 39 22.12 26.87 -12.40
CA LEU C 39 23.00 27.62 -11.49
C LEU C 39 23.62 26.74 -10.39
N ARG C 40 23.35 25.42 -10.42
CA ARG C 40 23.88 24.49 -9.42
C ARG C 40 25.19 23.85 -9.93
N LYS C 41 25.88 23.11 -9.07
CA LYS C 41 27.17 22.52 -9.47
C LYS C 41 26.87 21.15 -10.02
N LEU C 42 26.74 21.03 -11.36
CA LEU C 42 26.35 19.77 -11.99
C LEU C 42 27.19 19.50 -13.24
N PRO C 43 27.38 18.23 -13.62
CA PRO C 43 28.16 17.94 -14.84
C PRO C 43 27.51 18.56 -16.08
N ASP C 44 28.31 18.84 -17.12
CA ASP C 44 27.80 19.42 -18.37
C ASP C 44 26.75 18.54 -19.02
N SER C 45 26.89 17.20 -18.90
CA SER C 45 25.95 16.27 -19.51
C SER C 45 24.52 16.47 -18.98
N PHE C 46 24.35 17.01 -17.77
CA PHE C 46 23.04 17.22 -17.17
C PHE C 46 22.11 18.03 -18.06
N PHE C 47 22.67 18.94 -18.85
CA PHE C 47 21.85 19.81 -19.71
C PHE C 47 21.90 19.42 -21.19
N LYS C 48 22.52 18.29 -21.52
CA LYS C 48 22.68 17.87 -22.91
C LYS C 48 22.15 16.46 -23.11
N PRO C 49 21.00 16.31 -23.78
CA PRO C 49 20.48 14.95 -24.01
C PRO C 49 21.42 14.08 -24.82
N PRO C 50 21.53 12.79 -24.49
CA PRO C 50 22.40 11.90 -25.27
C PRO C 50 21.92 11.75 -26.72
N GLY D 2 -6.33 3.57 -5.16
CA GLY D 2 -7.11 4.02 -3.99
C GLY D 2 -6.27 4.03 -2.72
N HIS D 3 -6.75 3.44 -1.61
CA HIS D 3 -5.93 3.38 -0.39
C HIS D 3 -5.66 1.91 -0.01
N GLN D 4 -5.67 0.95 -0.98
CA GLN D 4 -5.45 -0.46 -0.58
C GLN D 4 -4.47 -1.26 -1.45
N ILE D 5 -3.56 -2.01 -0.81
CA ILE D 5 -2.70 -2.96 -1.47
C ILE D 5 -3.24 -4.35 -1.08
N VAL D 6 -3.49 -5.24 -2.06
CA VAL D 6 -3.99 -6.57 -1.74
C VAL D 6 -3.09 -7.63 -2.34
N HIS D 7 -2.60 -8.56 -1.50
CA HIS D 7 -1.74 -9.64 -1.92
C HIS D 7 -2.50 -10.92 -1.78
N VAL D 8 -2.86 -11.54 -2.90
CA VAL D 8 -3.68 -12.76 -2.87
C VAL D 8 -2.78 -13.96 -3.16
N ARG D 9 -2.82 -15.02 -2.30
CA ARG D 9 -2.02 -16.21 -2.55
C ARG D 9 -2.45 -16.85 -3.89
N GLY D 10 -1.49 -17.32 -4.65
CA GLY D 10 -1.71 -17.82 -6.01
C GLY D 10 -2.75 -18.90 -6.16
N ASP D 11 -2.92 -19.71 -5.11
CA ASP D 11 -3.88 -20.82 -5.07
C ASP D 11 -5.12 -20.46 -4.24
N SER D 12 -5.47 -19.16 -4.12
CA SER D 12 -6.59 -18.76 -3.26
C SER D 12 -7.92 -19.46 -3.60
N GLU D 13 -8.20 -19.71 -4.89
CA GLU D 13 -9.46 -20.36 -5.26
C GLU D 13 -9.51 -21.81 -4.78
N THR D 14 -8.39 -22.54 -4.90
CA THR D 14 -8.33 -23.93 -4.43
C THR D 14 -8.32 -23.97 -2.89
N ASP D 15 -7.73 -22.95 -2.23
CA ASP D 15 -7.72 -22.84 -0.79
C ASP D 15 -9.16 -22.63 -0.26
N LEU D 16 -9.97 -21.80 -0.94
CA LEU D 16 -11.36 -21.59 -0.51
C LEU D 16 -12.14 -22.89 -0.62
N GLU D 17 -11.93 -23.64 -1.72
CA GLU D 17 -12.57 -24.93 -1.87
C GLU D 17 -12.14 -25.89 -0.73
N ALA D 18 -10.86 -25.83 -0.30
CA ALA D 18 -10.34 -26.69 0.78
C ALA D 18 -10.98 -26.41 2.13
N LEU D 19 -11.36 -25.15 2.39
CA LEU D 19 -12.08 -24.78 3.61
C LEU D 19 -13.41 -25.54 3.68
N PHE D 20 -14.10 -25.65 2.54
CA PHE D 20 -15.38 -26.35 2.49
C PHE D 20 -15.19 -27.85 2.52
N ASN D 21 -14.22 -28.36 1.73
CA ASN D 21 -13.95 -29.80 1.68
C ASN D 21 -13.42 -30.36 3.00
N ALA D 22 -12.85 -29.52 3.90
CA ALA D 22 -12.47 -29.99 5.24
C ALA D 22 -13.69 -30.58 5.98
N VAL D 23 -14.89 -30.04 5.69
CA VAL D 23 -16.12 -30.53 6.27
C VAL D 23 -16.84 -31.52 5.34
N NLE D 24 -17.05 -31.14 4.08
CA NLE D 24 -17.80 -31.95 3.12
C NLE D 24 -17.11 -33.21 2.58
O NLE D 24 -17.79 -34.14 2.19
CB NLE D 24 -18.20 -31.03 1.90
CG NLE D 24 -18.92 -29.71 2.23
CD NLE D 24 -20.11 -29.84 3.18
CE NLE D 24 -20.71 -28.55 3.75
N ASN D 25 -15.78 -33.23 2.53
CA ASN D 25 -15.01 -34.38 2.02
C ASN D 25 -13.69 -34.49 2.80
N PRO D 26 -13.74 -34.75 4.11
CA PRO D 26 -12.50 -34.75 4.91
C PRO D 26 -11.50 -35.83 4.57
N LYS D 27 -10.21 -35.50 4.82
CA LYS D 27 -9.07 -36.39 4.59
C LYS D 27 -8.03 -36.13 5.68
N GLN D 33 -4.95 -31.87 11.74
CA GLN D 33 -6.27 -31.76 12.35
C GLN D 33 -6.31 -30.57 13.32
N THR D 34 -7.25 -29.64 13.09
CA THR D 34 -7.35 -28.49 13.95
C THR D 34 -8.32 -28.79 15.12
N VAL D 35 -7.96 -28.34 16.32
CA VAL D 35 -8.76 -28.54 17.52
C VAL D 35 -9.87 -27.48 17.53
N PRO D 36 -11.14 -27.90 17.55
CA PRO D 36 -12.24 -26.91 17.60
C PRO D 36 -12.17 -26.03 18.84
N NLE D 37 -12.67 -24.78 18.73
CA NLE D 37 -12.66 -23.86 19.86
C NLE D 37 -13.39 -24.45 21.09
O NLE D 37 -12.96 -24.22 22.22
CB NLE D 37 -13.33 -22.52 19.50
CG NLE D 37 -12.43 -21.70 18.59
CD NLE D 37 -10.96 -21.48 19.07
CE NLE D 37 -10.58 -20.02 19.22
N ARG D 38 -14.45 -25.22 20.86
CA ARG D 38 -15.20 -25.85 21.94
C ARG D 38 -14.38 -26.79 22.82
N LEU D 39 -13.20 -27.22 22.37
CA LEU D 39 -12.34 -28.10 23.15
C LEU D 39 -11.13 -27.37 23.77
N ARG D 40 -11.03 -26.05 23.59
CA ARG D 40 -9.96 -25.25 24.13
C ARG D 40 -10.39 -24.56 25.44
N LYS D 41 -9.48 -23.82 26.08
CA LYS D 41 -9.77 -23.12 27.33
C LYS D 41 -10.29 -21.76 27.00
N LEU D 42 -11.62 -21.59 26.97
CA LEU D 42 -12.20 -20.28 26.64
C LEU D 42 -13.38 -20.00 27.56
N PRO D 43 -13.71 -18.71 27.81
CA PRO D 43 -14.88 -18.40 28.66
C PRO D 43 -16.17 -18.95 28.05
N ASP D 44 -17.17 -19.24 28.91
CA ASP D 44 -18.46 -19.78 28.45
C ASP D 44 -19.15 -18.83 27.45
N SER D 45 -18.97 -17.51 27.63
CA SER D 45 -19.59 -16.53 26.74
C SER D 45 -19.14 -16.70 25.28
N PHE D 46 -17.96 -17.29 25.03
CA PHE D 46 -17.42 -17.49 23.68
C PHE D 46 -18.39 -18.24 22.77
N PHE D 47 -19.21 -19.13 23.36
CA PHE D 47 -20.12 -19.95 22.58
C PHE D 47 -21.58 -19.47 22.66
N LYS D 48 -21.85 -18.38 23.38
CA LYS D 48 -23.21 -17.90 23.59
C LYS D 48 -23.37 -16.47 23.10
N PRO D 49 -24.12 -16.26 22.02
CA PRO D 49 -24.29 -14.89 21.52
C PRO D 49 -25.02 -13.99 22.51
N PRO D 50 -24.62 -12.71 22.61
CA PRO D 50 -25.32 -11.79 23.52
C PRO D 50 -26.78 -11.61 23.13
C ACT E . 3.22 -2.82 2.60
O ACT E . 3.46 -2.67 3.83
OXT ACT E . 3.01 -3.88 1.94
CH3 ACT E . 3.21 -1.52 1.84
C ACT F . 2.14 2.51 3.95
O ACT F . 1.62 3.64 3.71
OXT ACT F . 3.34 2.24 4.19
CH3 ACT F . 1.25 1.29 3.97
#